data_4CYC
#
_entry.id   4CYC
#
_cell.length_a   97.707
_cell.length_b   97.707
_cell.length_c   73.735
_cell.angle_alpha   90.00
_cell.angle_beta   90.00
_cell.angle_gamma   120.00
#
_symmetry.space_group_name_H-M   'P 32 2 1'
#
loop_
_entity.id
_entity.type
_entity.pdbx_description
1 polymer 'HOMEOTIC PROTEIN ULTRABITHORAX'
2 polymer 'HOMEOBOX PROTEIN EXTRADENTICLE'
3 polymer "5'-D(*GP*TP*CP*GP*CP*CP*AP*TP*AP*AP*AP*TP*CP*AP*CP)-3'"
4 polymer "5'-D(*AP*CP*GP*TP*GP*AP*TP*TP*TP*AP*TP*GP*GP*CP*GP)-3'"
5 water water
#
loop_
_entity_poly.entity_id
_entity_poly.type
_entity_poly.pdbx_seq_one_letter_code
_entity_poly.pdbx_strand_id
1 'polypeptide(L)'
;MQASNHTFYPWMAIAGTNGLRRRGRQTYTRYQTLELEKEFHTNHYLTRRRRIEMAHALCLTERQIKIWFQNRRMKLKKEI
QAIKELNEQEKQA
;
A
2 'polypeptide(L)' GARRKRRNFSKQASEILNEYFYSHLSNPYPSEEAKEELARKCGITVSQVSNWFGNKRIRYKKNIGKAQEEANLYAA B
3 'polydeoxyribonucleotide' (DG)(DT)(DC)(DG)(DC)(DC)(DA)(DT)(DA)(DA)(DA)(DT)(DC)(DA)(DC) C
4 'polydeoxyribonucleotide' (DA)(DC)(DG)(DT)(DG)(DA)(DT)(DT)(DT)(DA)(DT)(DG)(DG)(DC)(DG) D
#
loop_
_chem_comp.id
_chem_comp.type
_chem_comp.name
_chem_comp.formula
DA DNA linking 2'-DEOXYADENOSINE-5'-MONOPHOSPHATE 'C10 H14 N5 O6 P'
DC DNA linking 2'-DEOXYCYTIDINE-5'-MONOPHOSPHATE 'C9 H14 N3 O7 P'
DG DNA linking 2'-DEOXYGUANOSINE-5'-MONOPHOSPHATE 'C10 H14 N5 O7 P'
DT DNA linking THYMIDINE-5'-MONOPHOSPHATE 'C10 H15 N2 O8 P'
#
# COMPACT_ATOMS: atom_id res chain seq x y z
N PHE A 8 8.04 -1.61 23.34
CA PHE A 8 9.01 -2.68 23.47
C PHE A 8 10.16 -2.54 22.45
N TYR A 9 9.87 -2.72 21.15
CA TYR A 9 10.87 -2.64 20.07
C TYR A 9 10.80 -1.29 19.32
N PRO A 10 11.90 -0.83 18.63
CA PRO A 10 11.84 0.46 17.92
C PRO A 10 10.77 0.60 16.84
N TRP A 11 10.33 -0.53 16.25
CA TRP A 11 9.29 -0.52 15.22
C TRP A 11 7.91 -0.19 15.80
N MET A 12 7.67 -0.56 17.08
CA MET A 12 6.41 -0.33 17.81
C MET A 12 6.11 1.15 18.09
N ALA A 13 7.12 2.03 17.95
CA ALA A 13 6.98 3.48 18.16
C ALA A 13 6.47 4.17 16.89
N ARG A 25 -3.88 11.65 7.98
CA ARG A 25 -4.01 11.84 6.53
C ARG A 25 -5.42 12.28 6.13
N GLN A 26 -5.51 13.14 5.11
CA GLN A 26 -6.79 13.68 4.63
C GLN A 26 -7.25 12.97 3.36
N THR A 27 -8.49 12.47 3.34
CA THR A 27 -9.04 11.84 2.14
C THR A 27 -9.38 12.98 1.16
N TYR A 28 -9.28 12.71 -0.14
CA TYR A 28 -9.57 13.73 -1.14
C TYR A 28 -11.04 13.67 -1.50
N THR A 29 -11.61 14.79 -1.92
CA THR A 29 -13.02 14.82 -2.31
C THR A 29 -13.21 13.99 -3.58
N ARG A 30 -14.45 13.62 -3.93
CA ARG A 30 -14.67 12.88 -5.17
C ARG A 30 -14.30 13.75 -6.36
N TYR A 31 -14.50 15.08 -6.23
CA TYR A 31 -14.10 16.04 -7.26
C TYR A 31 -12.57 16.08 -7.46
N GLN A 32 -11.78 16.23 -6.38
CA GLN A 32 -10.31 16.28 -6.47
C GLN A 32 -9.77 15.04 -7.16
N THR A 33 -10.27 13.85 -6.76
CA THR A 33 -9.92 12.57 -7.35
C THR A 33 -10.33 12.53 -8.82
N LEU A 34 -11.48 13.11 -9.19
CA LEU A 34 -11.95 13.15 -10.58
C LEU A 34 -10.96 13.92 -11.49
N GLU A 35 -10.54 15.13 -11.05
CA GLU A 35 -9.60 15.99 -11.75
C GLU A 35 -8.21 15.38 -11.82
N LEU A 36 -7.70 14.84 -10.69
CA LEU A 36 -6.39 14.18 -10.63
C LEU A 36 -6.34 12.97 -11.60
N GLU A 37 -7.42 12.17 -11.65
CA GLU A 37 -7.59 11.01 -12.52
C GLU A 37 -7.61 11.42 -14.00
N LYS A 38 -8.28 12.56 -14.31
CA LYS A 38 -8.42 13.14 -15.65
C LYS A 38 -7.04 13.46 -16.21
N GLU A 39 -6.19 14.12 -15.40
CA GLU A 39 -4.83 14.48 -15.79
C GLU A 39 -3.96 13.24 -16.03
N PHE A 40 -4.05 12.23 -15.12
CA PHE A 40 -3.33 10.96 -15.23
C PHE A 40 -3.73 10.21 -16.51
N HIS A 41 -5.04 10.18 -16.84
CA HIS A 41 -5.59 9.53 -18.03
C HIS A 41 -5.12 10.21 -19.33
N THR A 42 -4.81 11.52 -19.24
CA THR A 42 -4.30 12.31 -20.36
C THR A 42 -2.79 12.03 -20.47
N ASN A 43 -2.05 12.14 -19.33
CA ASN A 43 -0.60 11.90 -19.26
C ASN A 43 -0.25 11.30 -17.88
N HIS A 44 0.32 10.05 -17.86
CA HIS A 44 0.74 9.34 -16.64
C HIS A 44 1.86 10.06 -15.86
N TYR A 45 2.47 11.06 -16.49
CA TYR A 45 3.57 11.84 -15.93
C TYR A 45 3.19 13.30 -15.87
N LEU A 46 3.53 13.95 -14.75
CA LEU A 46 3.18 15.35 -14.51
C LEU A 46 4.31 16.32 -14.84
N THR A 47 3.99 17.36 -15.64
CA THR A 47 4.93 18.42 -15.99
C THR A 47 5.00 19.42 -14.83
N ARG A 48 6.05 20.25 -14.79
CA ARG A 48 6.25 21.28 -13.76
C ARG A 48 5.09 22.27 -13.76
N ARG A 49 4.65 22.71 -14.96
CA ARG A 49 3.56 23.66 -15.16
C ARG A 49 2.21 23.09 -14.71
N ARG A 50 1.93 21.81 -15.05
CA ARG A 50 0.68 21.17 -14.64
C ARG A 50 0.59 21.00 -13.13
N ARG A 51 1.73 20.68 -12.47
CA ARG A 51 1.86 20.53 -11.01
C ARG A 51 1.38 21.77 -10.23
N ILE A 52 1.59 22.98 -10.80
CA ILE A 52 1.20 24.29 -10.24
C ILE A 52 -0.28 24.62 -10.61
N GLU A 53 -0.71 24.22 -11.83
CA GLU A 53 -2.08 24.45 -12.34
C GLU A 53 -3.09 23.58 -11.58
N MET A 54 -2.74 22.31 -11.32
CA MET A 54 -3.57 21.34 -10.61
C MET A 54 -3.71 21.75 -9.14
N ALA A 55 -2.57 22.07 -8.49
CA ALA A 55 -2.46 22.48 -7.09
C ALA A 55 -3.36 23.67 -6.73
N HIS A 56 -3.36 24.73 -7.57
CA HIS A 56 -4.16 25.93 -7.37
C HIS A 56 -5.66 25.66 -7.56
N ALA A 57 -6.02 24.94 -8.63
CA ALA A 57 -7.41 24.63 -8.96
C ALA A 57 -8.08 23.67 -7.96
N LEU A 58 -7.30 22.76 -7.33
CA LEU A 58 -7.82 21.75 -6.41
C LEU A 58 -7.56 22.01 -4.92
N CYS A 59 -6.90 23.15 -4.56
CA CYS A 59 -6.56 23.54 -3.18
C CYS A 59 -5.65 22.51 -2.46
N LEU A 60 -4.78 21.83 -3.22
CA LEU A 60 -3.79 20.86 -2.71
C LEU A 60 -2.39 21.45 -2.93
N THR A 61 -1.39 21.02 -2.14
CA THR A 61 -0.01 21.50 -2.29
C THR A 61 0.64 20.85 -3.51
N GLU A 62 1.76 21.41 -4.02
CA GLU A 62 2.48 20.84 -5.17
C GLU A 62 3.03 19.45 -4.87
N ARG A 63 3.41 19.20 -3.60
CA ARG A 63 3.89 17.91 -3.09
C ARG A 63 2.76 16.89 -3.22
N GLN A 64 1.55 17.27 -2.75
CA GLN A 64 0.33 16.43 -2.78
C GLN A 64 0.00 15.91 -4.18
N ILE A 65 0.08 16.77 -5.21
CA ILE A 65 -0.17 16.40 -6.62
C ILE A 65 0.90 15.42 -7.13
N LYS A 66 2.19 15.69 -6.79
CA LYS A 66 3.36 14.87 -7.17
C LYS A 66 3.19 13.47 -6.55
N ILE A 67 3.05 13.41 -5.23
CA ILE A 67 2.81 12.18 -4.43
C ILE A 67 1.64 11.34 -5.00
N TRP A 68 0.54 12.01 -5.41
CA TRP A 68 -0.65 11.36 -6.00
C TRP A 68 -0.32 10.65 -7.29
N PHE A 69 0.38 11.36 -8.22
CA PHE A 69 0.83 10.83 -9.51
C PHE A 69 1.72 9.62 -9.32
N GLN A 70 2.66 9.69 -8.34
N GLN A 70 2.64 9.70 -8.33
CA GLN A 70 3.55 8.57 -7.97
CA GLN A 70 3.54 8.63 -7.93
C GLN A 70 2.73 7.37 -7.43
C GLN A 70 2.73 7.40 -7.45
N ASN A 71 1.71 7.64 -6.59
CA ASN A 71 0.85 6.58 -6.05
C ASN A 71 -0.02 5.94 -7.13
N ARG A 72 -0.51 6.75 -8.07
CA ARG A 72 -1.35 6.33 -9.18
C ARG A 72 -0.58 5.52 -10.22
N ARG A 73 0.72 5.83 -10.43
CA ARG A 73 1.59 5.05 -11.32
C ARG A 73 1.81 3.68 -10.68
N MET A 74 2.07 3.67 -9.35
CA MET A 74 2.27 2.47 -8.54
C MET A 74 1.02 1.60 -8.45
N LYS A 75 -0.18 2.22 -8.55
CA LYS A 75 -1.47 1.52 -8.56
C LYS A 75 -1.66 0.89 -9.93
N LEU A 76 -1.26 1.62 -11.01
CA LEU A 76 -1.33 1.14 -12.39
C LEU A 76 -0.42 -0.09 -12.56
N LYS A 77 0.75 -0.09 -11.88
CA LYS A 77 1.72 -1.20 -11.88
C LYS A 77 1.03 -2.49 -11.41
N LYS A 78 0.36 -2.43 -10.25
CA LYS A 78 -0.38 -3.53 -9.64
C LYS A 78 -1.61 -3.96 -10.48
N GLU A 79 -2.13 -3.07 -11.37
CA GLU A 79 -3.27 -3.35 -12.24
C GLU A 79 -2.86 -4.25 -13.41
N ILE A 80 -1.71 -3.94 -14.06
CA ILE A 80 -1.17 -4.68 -15.21
C ILE A 80 -0.70 -6.08 -14.75
N GLN A 81 -0.01 -6.14 -13.60
CA GLN A 81 0.50 -7.37 -12.99
C GLN A 81 -0.64 -8.30 -12.52
N ALA A 82 -1.80 -7.72 -12.15
CA ALA A 82 -3.00 -8.46 -11.70
C ALA A 82 -3.59 -9.38 -12.78
N ILE A 83 -3.35 -9.04 -14.07
CA ILE A 83 -3.81 -9.81 -15.24
C ILE A 83 -3.09 -11.18 -15.29
N LYS A 84 -1.76 -11.20 -15.04
CA LYS A 84 -0.95 -12.41 -15.03
C LYS A 84 0.00 -12.43 -13.84
N ARG B 7 -12.95 -14.50 0.88
CA ARG B 7 -12.44 -13.19 1.27
C ARG B 7 -11.52 -13.29 2.50
N ASN B 8 -12.06 -13.83 3.63
CA ASN B 8 -11.30 -14.03 4.88
C ASN B 8 -10.43 -15.28 4.78
N PHE B 9 -9.19 -15.19 5.29
CA PHE B 9 -8.24 -16.29 5.26
C PHE B 9 -8.64 -17.45 6.17
N SER B 10 -8.28 -18.68 5.76
CA SER B 10 -8.57 -19.89 6.52
C SER B 10 -7.86 -19.88 7.88
N LYS B 11 -8.38 -20.68 8.83
CA LYS B 11 -7.89 -20.88 10.19
C LYS B 11 -6.37 -21.15 10.20
N GLN B 12 -5.92 -22.04 9.28
CA GLN B 12 -4.52 -22.46 9.14
C GLN B 12 -3.62 -21.36 8.63
N ALA B 13 -4.08 -20.61 7.61
CA ALA B 13 -3.34 -19.50 7.02
C ALA B 13 -3.07 -18.43 8.08
N SER B 14 -4.09 -18.06 8.85
CA SER B 14 -3.99 -17.07 9.93
C SER B 14 -3.08 -17.55 11.06
N GLU B 15 -3.13 -18.87 11.38
CA GLU B 15 -2.28 -19.54 12.38
C GLU B 15 -0.81 -19.47 11.95
N ILE B 16 -0.54 -19.70 10.64
CA ILE B 16 0.78 -19.63 10.03
C ILE B 16 1.29 -18.19 10.11
N LEU B 17 0.47 -17.21 9.71
CA LEU B 17 0.88 -15.81 9.71
C LEU B 17 1.18 -15.30 11.13
N ASN B 18 0.30 -15.61 12.10
CA ASN B 18 0.46 -15.24 13.51
C ASN B 18 1.66 -15.89 14.19
N GLU B 19 1.92 -17.17 13.87
CA GLU B 19 3.08 -17.89 14.39
C GLU B 19 4.36 -17.17 13.89
N TYR B 20 4.38 -16.73 12.62
CA TYR B 20 5.53 -16.02 12.05
C TYR B 20 5.71 -14.67 12.75
N PHE B 21 4.64 -13.84 12.76
CA PHE B 21 4.59 -12.53 13.38
C PHE B 21 5.15 -12.51 14.80
N TYR B 22 4.58 -13.35 15.68
CA TYR B 22 4.97 -13.41 17.08
C TYR B 22 6.34 -14.04 17.31
N SER B 23 6.76 -15.01 16.46
CA SER B 23 8.09 -15.63 16.55
C SER B 23 9.18 -14.69 16.02
N HIS B 24 8.78 -13.66 15.24
CA HIS B 24 9.63 -12.63 14.66
C HIS B 24 9.24 -11.25 15.17
N LEU B 25 8.72 -11.15 16.42
CA LEU B 25 8.25 -9.90 17.02
C LEU B 25 9.34 -8.80 17.13
N SER B 26 10.62 -9.19 17.10
CA SER B 26 11.76 -8.27 17.15
C SER B 26 11.90 -7.50 15.83
N ASN B 27 11.57 -8.15 14.69
CA ASN B 27 11.62 -7.59 13.35
C ASN B 27 10.52 -8.26 12.46
N PRO B 28 9.22 -7.90 12.63
CA PRO B 28 8.17 -8.58 11.84
C PRO B 28 7.99 -8.06 10.41
N TYR B 29 9.12 -8.00 9.67
CA TYR B 29 9.19 -7.53 8.28
C TYR B 29 9.84 -8.63 7.44
N PRO B 30 9.04 -9.64 7.00
CA PRO B 30 9.62 -10.71 6.17
C PRO B 30 10.17 -10.16 4.85
N SER B 31 11.25 -10.75 4.38
CA SER B 31 11.90 -10.38 3.12
C SER B 31 11.03 -10.88 1.97
N GLU B 32 11.39 -10.54 0.72
CA GLU B 32 10.66 -10.95 -0.48
C GLU B 32 10.46 -12.48 -0.54
N GLU B 33 11.55 -13.26 -0.35
CA GLU B 33 11.53 -14.72 -0.36
C GLU B 33 10.75 -15.30 0.83
N ALA B 34 10.89 -14.69 2.03
CA ALA B 34 10.17 -15.10 3.22
C ALA B 34 8.66 -14.85 3.04
N LYS B 35 8.28 -13.76 2.32
CA LYS B 35 6.90 -13.43 1.98
C LYS B 35 6.34 -14.48 1.00
N GLU B 36 7.17 -14.91 0.02
CA GLU B 36 6.85 -15.93 -0.98
C GLU B 36 6.62 -17.29 -0.33
N GLU B 37 7.45 -17.65 0.68
CA GLU B 37 7.36 -18.89 1.46
C GLU B 37 6.05 -18.89 2.24
N LEU B 38 5.72 -17.73 2.85
CA LEU B 38 4.49 -17.55 3.58
C LEU B 38 3.27 -17.57 2.65
N ALA B 39 3.41 -17.03 1.42
CA ALA B 39 2.32 -17.04 0.44
C ALA B 39 1.98 -18.47 -0.05
N ARG B 40 3.02 -19.29 -0.29
N ARG B 40 3.03 -19.29 -0.28
CA ARG B 40 2.89 -20.68 -0.73
CA ARG B 40 2.92 -20.69 -0.73
C ARG B 40 2.23 -21.55 0.37
C ARG B 40 2.27 -21.58 0.36
N LYS B 41 2.65 -21.37 1.64
CA LYS B 41 2.12 -22.11 2.80
C LYS B 41 0.67 -21.77 3.13
N CYS B 42 0.30 -20.48 3.05
CA CYS B 42 -1.04 -19.98 3.37
C CYS B 42 -2.06 -20.12 2.23
N GLY B 43 -1.57 -20.30 1.01
CA GLY B 43 -2.41 -20.40 -0.18
C GLY B 43 -2.98 -19.06 -0.59
N ILE B 44 -2.17 -18.00 -0.37
CA ILE B 44 -2.50 -16.60 -0.67
C ILE B 44 -1.39 -15.97 -1.54
N THR B 45 -1.57 -14.70 -1.96
CA THR B 45 -0.59 -13.98 -2.77
C THR B 45 0.43 -13.25 -1.88
N VAL B 46 1.58 -12.84 -2.46
CA VAL B 46 2.63 -12.07 -1.77
C VAL B 46 2.07 -10.68 -1.34
N SER B 47 1.20 -10.07 -2.18
CA SER B 47 0.55 -8.80 -1.86
C SER B 47 -0.34 -8.97 -0.63
N GLN B 48 -1.05 -10.13 -0.55
CA GLN B 48 -1.91 -10.47 0.58
C GLN B 48 -1.10 -10.66 1.86
N VAL B 49 0.14 -11.21 1.74
CA VAL B 49 1.07 -11.38 2.87
C VAL B 49 1.50 -9.98 3.34
N SER B 50 1.90 -9.11 2.39
CA SER B 50 2.29 -7.72 2.64
C SER B 50 1.16 -6.94 3.29
N ASN B 51 -0.07 -7.09 2.78
CA ASN B 51 -1.26 -6.45 3.40
C ASN B 51 -1.45 -6.95 4.82
N TRP B 52 -1.34 -8.31 5.02
CA TRP B 52 -1.56 -8.94 6.34
C TRP B 52 -0.59 -8.43 7.37
N PHE B 53 0.69 -8.34 7.01
CA PHE B 53 1.76 -7.89 7.90
C PHE B 53 1.64 -6.42 8.24
N GLY B 54 1.27 -5.62 7.23
CA GLY B 54 1.02 -4.19 7.38
C GLY B 54 -0.13 -3.97 8.35
N ASN B 55 -1.23 -4.73 8.19
CA ASN B 55 -2.41 -4.66 9.08
C ASN B 55 -2.09 -5.16 10.50
N LYS B 56 -1.30 -6.25 10.59
CA LYS B 56 -0.91 -6.83 11.87
C LYS B 56 0.03 -5.90 12.70
N ARG B 57 1.07 -5.33 12.08
CA ARG B 57 2.01 -4.41 12.74
C ARG B 57 1.33 -3.18 13.38
N ILE B 58 0.43 -2.47 12.62
CA ILE B 58 -0.31 -1.29 13.10
C ILE B 58 -1.32 -1.66 14.19
N ARG B 59 -2.10 -2.72 13.97
CA ARG B 59 -3.14 -3.11 14.92
C ARG B 59 -2.53 -3.67 16.24
N TYR B 60 -1.32 -4.28 16.17
CA TYR B 60 -0.65 -4.75 17.37
C TYR B 60 -0.16 -3.57 18.21
N LYS B 61 0.59 -2.61 17.59
CA LYS B 61 1.15 -1.47 18.30
C LYS B 61 0.07 -0.53 18.89
N LYS B 62 -1.10 -0.40 18.23
CA LYS B 62 -2.21 0.41 18.73
C LYS B 62 -2.86 -0.29 19.93
N ASN B 63 -2.95 -1.64 19.89
CA ASN B 63 -3.53 -2.45 20.96
C ASN B 63 -2.52 -2.72 22.10
N ILE B 64 -1.84 -1.64 22.54
CA ILE B 64 -0.84 -1.60 23.62
C ILE B 64 -1.16 -0.36 24.47
#